data_6PQD
#
_entry.id   6PQD
#
_cell.length_a   44.290
_cell.length_b   51.270
_cell.length_c   78.740
_cell.angle_alpha   90.000
_cell.angle_beta   92.550
_cell.angle_gamma   90.000
#
_symmetry.space_group_name_H-M   'P 1 21 1'
#
loop_
_entity.id
_entity.type
_entity.pdbx_description
1 polymer 'Cytochrome P450'
2 non-polymer 'PROTOPORPHYRIN IX CONTAINING FE'
3 non-polymer '3-(methylsulfanyl)benzoic acid'
4 non-polymer 'CHLORIDE ION'
5 water water
#
_entity_poly.entity_id   1
_entity_poly.type   'polypeptide(L)'
_entity_poly.pdbx_seq_one_letter_code
;MISNSSAESISAPPNDSTIPHLAIDPFSLDFFDDPYPDQQTLRDAGPVVYLDKWNVYGVARYAEVHAVLNDPTTFCSSRG
VGLSDFKKEKPWRPPSLILEADPPAHTRPRAVLSKVLSPATMKTIRDGFAAAADAKVDELLQRGCIDAIADLAEAYPLSV
FPDAMGLKQEGREHLLPYAGLVFNAFGPPNELRQTAIERSAPHQAYVNEQCQRPNLAPGGFGACIHAFTDTGEITPDEAP
LLVRSLLSAGLDTTVNGIGAAVYCLARFPGELQRLRSDPTLARNAFEEAVRFESPVQTFFRTTTREVELGGAVIGEGEKV
LMFLGSANRDPRRWSDPDLYDITRKTSGHVGFGSGVHMCVGQLVARLEGEVMLSALARKVAAIDIDGPVKRRFNNTLRGL
ESLPVKLTPA
;
_entity_poly.pdbx_strand_id   A
#
# COMPACT_ATOMS: atom_id res chain seq x y z
N THR A 18 -16.63 0.87 -29.46
CA THR A 18 -17.53 0.63 -28.34
C THR A 18 -16.90 1.09 -27.03
N ILE A 19 -15.57 1.00 -26.94
CA ILE A 19 -14.84 1.35 -25.73
C ILE A 19 -14.52 2.84 -25.80
N PRO A 20 -14.92 3.64 -24.82
CA PRO A 20 -14.57 5.06 -24.86
C PRO A 20 -13.07 5.28 -24.71
N HIS A 21 -12.55 6.23 -25.46
CA HIS A 21 -11.15 6.61 -25.38
C HIS A 21 -11.04 7.91 -24.62
N LEU A 22 -10.19 7.94 -23.58
CA LEU A 22 -10.03 9.13 -22.78
C LEU A 22 -8.57 9.55 -22.79
N ALA A 23 -8.36 10.86 -22.73
CA ALA A 23 -7.02 11.43 -22.70
C ALA A 23 -6.50 11.66 -21.29
N ILE A 24 -7.28 11.31 -20.27
CA ILE A 24 -6.86 11.50 -18.89
C ILE A 24 -5.57 10.74 -18.62
N ASP A 25 -4.58 11.44 -18.04
CA ASP A 25 -3.34 10.81 -17.61
C ASP A 25 -3.43 10.53 -16.10
N PRO A 26 -3.70 9.29 -15.70
CA PRO A 26 -3.79 9.00 -14.26
C PRO A 26 -2.45 9.03 -13.54
N PHE A 27 -1.34 9.33 -14.24
CA PHE A 27 -0.04 9.45 -13.60
C PHE A 27 0.52 10.87 -13.69
N SER A 28 -0.34 11.85 -13.96
CA SER A 28 0.05 13.25 -14.02
C SER A 28 -0.07 13.90 -12.65
N LEU A 29 0.73 14.94 -12.42
CA LEU A 29 0.66 15.64 -11.14
C LEU A 29 -0.71 16.27 -10.90
N ASP A 30 -1.37 16.76 -11.96
CA ASP A 30 -2.71 17.30 -11.78
C ASP A 30 -3.69 16.22 -11.32
N PHE A 31 -3.55 15.00 -11.86
CA PHE A 31 -4.35 13.88 -11.38
C PHE A 31 -4.05 13.58 -9.91
N PHE A 32 -2.77 13.40 -9.56
CA PHE A 32 -2.42 13.10 -8.17
C PHE A 32 -2.92 14.19 -7.23
N ASP A 33 -2.92 15.44 -7.68
CA ASP A 33 -3.30 16.55 -6.82
C ASP A 33 -4.76 16.46 -6.42
N ASP A 34 -5.61 15.99 -7.33
CA ASP A 34 -7.03 15.83 -7.05
C ASP A 34 -7.58 14.79 -8.00
N PRO A 35 -7.52 13.51 -7.64
CA PRO A 35 -7.95 12.45 -8.55
C PRO A 35 -9.44 12.27 -8.67
N TYR A 36 -10.24 12.85 -7.76
CA TYR A 36 -11.60 12.35 -7.64
C TYR A 36 -12.53 12.74 -8.80
N PRO A 37 -12.46 13.96 -9.34
CA PRO A 37 -13.28 14.23 -10.54
C PRO A 37 -12.90 13.37 -11.73
N ASP A 38 -11.60 13.18 -11.99
CA ASP A 38 -11.23 12.35 -13.12
C ASP A 38 -11.62 10.89 -12.89
N GLN A 39 -11.59 10.42 -11.63
CA GLN A 39 -12.04 9.07 -11.33
C GLN A 39 -13.53 8.89 -11.60
N GLN A 40 -14.36 9.90 -11.27
CA GLN A 40 -15.76 9.80 -11.66
C GLN A 40 -15.91 9.78 -13.17
N THR A 41 -15.17 10.62 -13.87
CA THR A 41 -15.22 10.61 -15.34
C THR A 41 -14.85 9.23 -15.88
N LEU A 42 -13.83 8.59 -15.30
CA LEU A 42 -13.43 7.25 -15.73
C LEU A 42 -14.51 6.22 -15.43
N ARG A 43 -15.16 6.32 -14.26
CA ARG A 43 -16.21 5.37 -13.90
C ARG A 43 -17.43 5.54 -14.81
N ASP A 44 -17.85 6.79 -15.01
CA ASP A 44 -19.10 7.02 -15.73
C ASP A 44 -18.93 6.91 -17.24
N ALA A 45 -17.70 6.94 -17.76
CA ALA A 45 -17.56 6.76 -19.20
C ALA A 45 -17.95 5.36 -19.65
N GLY A 46 -17.77 4.37 -18.78
CA GLY A 46 -18.11 3.01 -19.11
C GLY A 46 -17.41 2.04 -18.17
N PRO A 47 -17.86 0.79 -18.15
CA PRO A 47 -17.15 -0.21 -17.34
C PRO A 47 -15.72 -0.45 -17.78
N VAL A 48 -15.40 -0.26 -19.06
CA VAL A 48 -14.04 -0.45 -19.58
C VAL A 48 -13.71 0.74 -20.46
N VAL A 49 -12.62 1.43 -20.16
CA VAL A 49 -12.19 2.57 -20.95
C VAL A 49 -10.83 2.24 -21.57
N TYR A 50 -10.47 3.00 -22.59
CA TYR A 50 -9.13 2.94 -23.17
C TYR A 50 -8.42 4.27 -22.90
N LEU A 51 -7.24 4.20 -22.30
CA LEU A 51 -6.46 5.38 -21.95
C LEU A 51 -5.43 5.62 -23.07
N ASP A 52 -5.76 6.55 -23.99
CA ASP A 52 -4.90 6.79 -25.15
C ASP A 52 -3.52 7.29 -24.76
N LYS A 53 -3.38 7.91 -23.58
CA LYS A 53 -2.09 8.48 -23.21
C LYS A 53 -1.02 7.40 -23.06
N TRP A 54 -1.41 6.21 -22.60
CA TRP A 54 -0.47 5.14 -22.32
C TRP A 54 -0.79 3.84 -23.07
N ASN A 55 -1.83 3.82 -23.90
CA ASN A 55 -2.25 2.63 -24.63
C ASN A 55 -2.49 1.44 -23.69
N VAL A 56 -3.38 1.66 -22.72
CA VAL A 56 -3.79 0.61 -21.79
C VAL A 56 -5.30 0.70 -21.60
N TYR A 57 -5.89 -0.44 -21.24
CA TYR A 57 -7.28 -0.43 -20.81
C TYR A 57 -7.36 0.01 -19.35
N GLY A 58 -8.50 0.59 -18.98
CA GLY A 58 -8.70 0.99 -17.60
C GLY A 58 -10.05 0.55 -17.07
N VAL A 59 -10.11 0.16 -15.80
CA VAL A 59 -11.37 -0.15 -15.12
C VAL A 59 -11.39 0.60 -13.80
N ALA A 60 -12.42 1.43 -13.59
CA ALA A 60 -12.49 2.30 -12.42
C ALA A 60 -13.68 2.03 -11.50
N ARG A 61 -14.65 1.22 -11.92
CA ARG A 61 -15.77 0.85 -11.07
C ARG A 61 -15.41 -0.34 -10.20
N TYR A 62 -16.11 -0.46 -9.06
CA TYR A 62 -15.86 -1.56 -8.15
C TYR A 62 -16.01 -2.91 -8.85
N ALA A 63 -17.10 -3.09 -9.62
CA ALA A 63 -17.40 -4.42 -10.15
C ALA A 63 -16.27 -4.94 -11.03
N GLU A 64 -15.78 -4.12 -11.96
CA GLU A 64 -14.75 -4.63 -12.88
C GLU A 64 -13.41 -4.78 -12.18
N VAL A 65 -13.09 -3.87 -11.26
CA VAL A 65 -11.83 -3.99 -10.52
C VAL A 65 -11.84 -5.29 -9.72
N HIS A 66 -12.94 -5.56 -9.04
CA HIS A 66 -13.03 -6.79 -8.26
C HIS A 66 -12.98 -8.01 -9.17
N ALA A 67 -13.64 -7.94 -10.33
CA ALA A 67 -13.61 -9.05 -11.28
C ALA A 67 -12.19 -9.32 -11.77
N VAL A 68 -11.46 -8.25 -12.12
CA VAL A 68 -10.12 -8.44 -12.68
C VAL A 68 -9.20 -9.03 -11.63
N LEU A 69 -9.24 -8.48 -10.42
CA LEU A 69 -8.43 -9.01 -9.32
C LEU A 69 -8.69 -10.48 -9.08
N ASN A 70 -9.91 -10.94 -9.30
CA ASN A 70 -10.30 -12.30 -8.94
C ASN A 70 -10.28 -13.26 -10.11
N ASP A 71 -9.69 -12.87 -11.24
CA ASP A 71 -9.40 -13.77 -12.37
C ASP A 71 -7.92 -13.65 -12.69
N PRO A 72 -7.04 -14.24 -11.88
CA PRO A 72 -5.60 -14.13 -12.13
C PRO A 72 -5.13 -14.92 -13.33
N THR A 73 -5.91 -15.91 -13.76
CA THR A 73 -5.55 -16.65 -14.97
C THR A 73 -5.64 -15.75 -16.19
N THR A 74 -6.76 -15.05 -16.35
CA THR A 74 -6.92 -14.18 -17.49
C THR A 74 -6.10 -12.90 -17.31
N PHE A 75 -6.07 -12.32 -16.12
CA PHE A 75 -5.39 -11.06 -15.84
C PHE A 75 -4.17 -11.34 -14.97
N CYS A 76 -3.06 -11.72 -15.60
CA CYS A 76 -1.93 -12.26 -14.88
C CYS A 76 -1.05 -11.15 -14.30
N SER A 77 -0.18 -11.54 -13.37
CA SER A 77 0.78 -10.63 -12.76
C SER A 77 2.22 -10.88 -13.19
N SER A 78 2.52 -12.03 -13.81
CA SER A 78 3.91 -12.36 -14.14
C SER A 78 4.45 -11.58 -15.32
N ARG A 79 3.60 -10.89 -16.08
CA ARG A 79 4.10 -9.94 -17.06
C ARG A 79 4.22 -8.54 -16.47
N GLY A 80 4.21 -8.43 -15.14
CA GLY A 80 4.40 -7.17 -14.45
C GLY A 80 3.09 -6.57 -14.00
N VAL A 81 3.08 -5.91 -12.85
CA VAL A 81 1.90 -5.19 -12.41
C VAL A 81 2.09 -3.69 -12.53
N GLY A 82 3.16 -3.26 -13.22
CA GLY A 82 3.30 -1.90 -13.67
C GLY A 82 2.93 -1.76 -15.13
N LEU A 83 3.15 -0.56 -15.67
CA LEU A 83 2.86 -0.36 -17.09
C LEU A 83 3.72 -1.29 -17.94
N SER A 84 4.98 -1.47 -17.58
CA SER A 84 5.88 -2.26 -18.39
C SER A 84 5.43 -3.72 -18.48
N ASP A 85 5.49 -4.28 -19.71
CA ASP A 85 5.13 -5.66 -19.98
C ASP A 85 6.41 -6.48 -20.05
N PHE A 86 6.61 -7.38 -19.08
CA PHE A 86 7.86 -8.12 -18.96
C PHE A 86 8.14 -9.00 -20.17
N LYS A 87 7.12 -9.35 -20.95
CA LYS A 87 7.36 -10.07 -22.20
C LYS A 87 7.94 -9.17 -23.29
N LYS A 88 7.84 -7.85 -23.13
CA LYS A 88 8.39 -6.89 -24.08
C LYS A 88 9.63 -6.16 -23.58
N GLU A 89 9.73 -5.87 -22.28
CA GLU A 89 10.84 -5.09 -21.74
C GLU A 89 11.44 -5.82 -20.55
N LYS A 90 12.69 -5.54 -20.27
CA LYS A 90 13.26 -6.24 -19.14
C LYS A 90 12.90 -5.52 -17.84
N PRO A 91 12.51 -6.26 -16.80
CA PRO A 91 12.17 -5.60 -15.53
C PRO A 91 13.34 -4.77 -15.04
N TRP A 92 13.03 -3.66 -14.36
CA TRP A 92 14.11 -2.80 -13.85
C TRP A 92 14.88 -3.46 -12.72
N ARG A 93 14.31 -4.50 -12.09
CA ARG A 93 14.96 -5.30 -11.07
C ARG A 93 14.41 -6.71 -11.21
N PRO A 94 15.11 -7.72 -10.69
CA PRO A 94 14.59 -9.09 -10.79
C PRO A 94 13.16 -9.16 -10.29
N PRO A 95 12.29 -9.91 -10.96
CA PRO A 95 10.87 -9.91 -10.60
C PRO A 95 10.66 -10.40 -9.17
N SER A 96 9.72 -9.77 -8.49
CA SER A 96 9.28 -10.27 -7.20
C SER A 96 8.73 -11.69 -7.37
N LEU A 97 9.13 -12.60 -6.46
CA LEU A 97 8.68 -13.99 -6.53
C LEU A 97 7.23 -14.16 -6.10
N ILE A 98 6.61 -13.12 -5.55
CA ILE A 98 5.24 -13.21 -5.08
C ILE A 98 4.36 -12.22 -5.85
N LEU A 99 4.69 -10.93 -5.83
CA LEU A 99 3.85 -9.93 -6.49
C LEU A 99 3.79 -10.15 -8.00
N GLU A 100 4.93 -10.50 -8.60
CA GLU A 100 5.06 -10.59 -10.05
C GLU A 100 5.14 -12.05 -10.51
N ALA A 101 4.40 -12.91 -9.83
CA ALA A 101 4.29 -14.32 -10.16
C ALA A 101 2.81 -14.70 -10.19
N ASP A 102 2.51 -15.70 -11.00
CA ASP A 102 1.17 -16.29 -11.08
C ASP A 102 1.14 -17.67 -10.46
N PRO A 103 -0.03 -18.16 -10.08
CA PRO A 103 -0.16 -19.57 -9.71
C PRO A 103 0.25 -20.44 -10.86
N PRO A 104 0.95 -21.56 -10.62
CA PRO A 104 1.30 -22.09 -9.31
C PRO A 104 2.63 -21.59 -8.72
N ALA A 105 3.47 -20.94 -9.52
CA ALA A 105 4.75 -20.48 -8.98
C ALA A 105 4.56 -19.55 -7.80
N HIS A 106 3.44 -18.79 -7.79
CA HIS A 106 3.16 -17.85 -6.71
C HIS A 106 2.83 -18.57 -5.40
N THR A 107 2.26 -19.78 -5.49
CA THR A 107 1.52 -20.34 -4.37
C THR A 107 2.38 -20.62 -3.15
N ARG A 108 3.52 -21.29 -3.33
CA ARG A 108 4.26 -21.66 -2.13
C ARG A 108 5.03 -20.49 -1.52
N PRO A 109 5.63 -19.59 -2.31
CA PRO A 109 6.18 -18.36 -1.69
C PRO A 109 5.13 -17.59 -0.92
N ARG A 110 3.91 -17.52 -1.46
CA ARG A 110 2.81 -16.86 -0.75
C ARG A 110 2.52 -17.55 0.57
N ALA A 111 2.49 -18.88 0.58
CA ALA A 111 2.24 -19.63 1.82
C ALA A 111 3.29 -19.32 2.87
N VAL A 112 4.55 -19.20 2.47
CA VAL A 112 5.62 -18.92 3.42
C VAL A 112 5.45 -17.55 4.05
N LEU A 113 5.22 -16.53 3.21
CA LEU A 113 5.02 -15.19 3.76
C LEU A 113 3.77 -15.13 4.62
N SER A 114 2.75 -15.91 4.27
N SER A 114 2.73 -15.88 4.26
CA SER A 114 1.54 -16.00 5.09
CA SER A 114 1.55 -15.99 5.10
C SER A 114 1.85 -16.53 6.48
C SER A 114 1.88 -16.50 6.49
N LYS A 115 2.71 -17.55 6.58
CA LYS A 115 3.07 -18.11 7.88
C LYS A 115 4.05 -17.21 8.64
N VAL A 116 4.91 -16.50 7.91
CA VAL A 116 5.84 -15.58 8.56
C VAL A 116 5.08 -14.41 9.17
N LEU A 117 4.11 -13.87 8.43
CA LEU A 117 3.30 -12.73 8.85
C LEU A 117 1.93 -13.18 9.37
N SER A 118 1.97 -14.14 10.29
CA SER A 118 0.84 -14.95 10.73
C SER A 118 0.23 -14.39 12.01
N PRO A 119 -0.97 -14.87 12.36
CA PRO A 119 -1.55 -14.51 13.67
C PRO A 119 -0.62 -14.79 14.84
N ALA A 120 0.15 -15.90 14.80
CA ALA A 120 1.08 -16.17 15.89
C ALA A 120 2.18 -15.12 15.95
N THR A 121 2.69 -14.71 14.79
CA THR A 121 3.70 -13.66 14.80
C THR A 121 3.12 -12.36 15.34
N MET A 122 1.87 -12.06 14.97
CA MET A 122 1.23 -10.85 15.48
C MET A 122 1.11 -10.92 17.00
N LYS A 123 0.79 -12.10 17.54
CA LYS A 123 0.73 -12.24 18.99
C LYS A 123 2.07 -11.96 19.62
N THR A 124 3.18 -12.31 18.95
CA THR A 124 4.51 -12.07 19.51
C THR A 124 4.87 -10.59 19.54
N ILE A 125 4.40 -9.79 18.58
CA ILE A 125 4.87 -8.42 18.45
C ILE A 125 3.85 -7.38 18.90
N ARG A 126 2.61 -7.77 19.19
CA ARG A 126 1.55 -6.79 19.46
C ARG A 126 1.89 -5.89 20.64
N ASP A 127 2.25 -6.47 21.80
CA ASP A 127 2.49 -5.66 22.98
C ASP A 127 3.58 -4.63 22.72
N GLY A 128 4.62 -5.01 21.97
CA GLY A 128 5.69 -4.07 21.69
C GLY A 128 5.28 -3.01 20.68
N PHE A 129 4.52 -3.41 19.66
CA PHE A 129 3.97 -2.44 18.71
C PHE A 129 3.07 -1.43 19.43
N ALA A 130 2.32 -1.88 20.43
CA ALA A 130 1.38 -0.98 21.11
C ALA A 130 2.12 -0.03 22.06
N ALA A 131 3.12 -0.54 22.78
CA ALA A 131 3.93 0.33 23.63
C ALA A 131 4.58 1.46 22.84
N ALA A 132 5.13 1.14 21.67
CA ALA A 132 5.78 2.15 20.84
C ALA A 132 4.77 3.16 20.29
N ALA A 133 3.55 2.71 20.02
CA ALA A 133 2.51 3.62 19.56
C ALA A 133 2.10 4.56 20.68
N ASP A 134 1.87 4.02 21.88
CA ASP A 134 1.56 4.88 23.03
C ASP A 134 2.70 5.83 23.35
N ALA A 135 3.94 5.31 23.32
CA ALA A 135 5.11 6.13 23.62
C ALA A 135 5.24 7.28 22.62
N LYS A 136 5.02 6.99 21.34
CA LYS A 136 5.14 8.03 20.32
C LYS A 136 4.10 9.12 20.54
N VAL A 137 2.85 8.72 20.81
CA VAL A 137 1.81 9.74 21.01
C VAL A 137 2.11 10.57 22.26
N ASP A 138 2.59 9.92 23.32
CA ASP A 138 2.98 10.68 24.51
C ASP A 138 4.09 11.68 24.16
N GLU A 139 5.04 11.25 23.35
CA GLU A 139 6.15 12.14 23.01
C GLU A 139 5.67 13.32 22.17
N LEU A 140 4.80 13.05 21.19
CA LEU A 140 4.28 14.12 20.35
C LEU A 140 3.44 15.11 21.16
N LEU A 141 2.66 14.61 22.12
CA LEU A 141 1.87 15.50 22.96
C LEU A 141 2.74 16.46 23.78
N GLN A 142 4.00 16.11 24.03
CA GLN A 142 4.92 17.02 24.71
C GLN A 142 5.37 18.15 23.79
N ARG A 143 5.36 17.91 22.48
CA ARG A 143 5.72 18.95 21.52
C ARG A 143 4.51 19.79 21.11
N GLY A 144 3.32 19.23 21.15
CA GLY A 144 2.12 19.97 20.80
C GLY A 144 1.93 20.11 19.30
N CYS A 145 2.80 20.87 18.65
CA CYS A 145 2.74 21.12 17.21
C CYS A 145 3.79 20.25 16.51
N ILE A 146 3.32 19.36 15.64
N ILE A 146 3.32 19.36 15.64
CA ILE A 146 4.16 18.34 15.01
CA ILE A 146 4.17 18.36 15.00
C ILE A 146 3.77 18.21 13.54
C ILE A 146 3.84 18.29 13.52
N ASP A 147 4.58 17.45 12.81
CA ASP A 147 4.28 17.12 11.42
C ASP A 147 3.79 15.67 11.46
N ALA A 148 2.48 15.47 11.21
CA ALA A 148 1.94 14.12 11.35
C ALA A 148 2.50 13.15 10.33
N ILE A 149 3.28 13.62 9.37
CA ILE A 149 3.94 12.70 8.43
C ILE A 149 5.29 12.30 9.00
N ALA A 150 6.26 13.22 8.98
CA ALA A 150 7.61 12.91 9.48
C ALA A 150 7.57 12.41 10.92
N ASP A 151 6.81 13.08 11.78
CA ASP A 151 6.88 12.81 13.20
C ASP A 151 5.95 11.70 13.66
N LEU A 152 5.07 11.20 12.79
CA LEU A 152 4.11 10.19 13.23
C LEU A 152 3.98 9.10 12.17
N ALA A 153 3.44 9.46 11.00
CA ALA A 153 3.20 8.45 9.98
C ALA A 153 4.48 7.78 9.53
N GLU A 154 5.60 8.51 9.49
CA GLU A 154 6.89 7.90 9.18
C GLU A 154 7.61 7.41 10.43
N ALA A 155 7.61 8.22 11.49
CA ALA A 155 8.38 7.87 12.70
C ALA A 155 7.89 6.57 13.33
N TYR A 156 6.58 6.38 13.44
CA TYR A 156 6.11 5.20 14.16
C TYR A 156 6.44 3.91 13.41
N PRO A 157 6.11 3.75 12.13
CA PRO A 157 6.57 2.53 11.42
C PRO A 157 8.08 2.38 11.42
N LEU A 158 8.84 3.47 11.37
CA LEU A 158 10.29 3.36 11.44
C LEU A 158 10.75 2.83 12.79
N SER A 159 9.97 3.06 13.86
CA SER A 159 10.37 2.61 15.18
C SER A 159 10.01 1.15 15.47
N VAL A 160 9.14 0.52 14.67
CA VAL A 160 8.73 -0.86 14.91
C VAL A 160 9.10 -1.79 13.77
N PHE A 161 8.94 -1.36 12.51
CA PHE A 161 9.01 -2.32 11.41
C PHE A 161 10.44 -2.75 11.08
N PRO A 162 11.41 -1.82 10.98
CA PRO A 162 12.80 -2.28 10.76
C PRO A 162 13.29 -3.24 11.85
N ASP A 163 12.93 -2.97 13.10
CA ASP A 163 13.29 -3.90 14.17
C ASP A 163 12.55 -5.22 14.03
N ALA A 164 11.26 -5.18 13.71
CA ALA A 164 10.53 -6.43 13.54
C ALA A 164 11.08 -7.26 12.38
N MET A 165 11.64 -6.61 11.36
CA MET A 165 12.32 -7.32 10.26
C MET A 165 13.62 -7.98 10.69
N GLY A 166 14.23 -7.48 11.76
CA GLY A 166 15.56 -7.89 12.13
C GLY A 166 16.68 -7.13 11.45
N LEU A 167 16.44 -5.89 11.03
CA LEU A 167 17.47 -5.12 10.34
C LEU A 167 18.42 -4.48 11.34
N LYS A 168 19.70 -4.38 10.93
CA LYS A 168 20.66 -3.60 11.69
C LYS A 168 20.24 -2.13 11.71
N GLN A 169 20.87 -1.37 12.60
CA GLN A 169 20.52 0.04 12.74
C GLN A 169 21.06 0.87 11.58
N GLU A 170 22.27 0.56 11.12
CA GLU A 170 22.89 1.37 10.08
C GLU A 170 22.15 1.23 8.76
N GLY A 171 21.97 2.35 8.06
CA GLY A 171 21.46 2.31 6.71
C GLY A 171 19.96 2.31 6.57
N ARG A 172 19.21 2.44 7.66
CA ARG A 172 17.75 2.41 7.60
C ARG A 172 17.19 3.59 6.82
N GLU A 173 17.94 4.69 6.72
CA GLU A 173 17.51 5.81 5.91
C GLU A 173 17.35 5.45 4.44
N HIS A 174 17.86 4.29 4.00
CA HIS A 174 17.63 3.82 2.64
C HIS A 174 16.23 3.28 2.42
N LEU A 175 15.51 2.92 3.50
CA LEU A 175 14.30 2.12 3.33
C LEU A 175 13.18 2.89 2.64
N LEU A 176 12.87 4.10 3.11
CA LEU A 176 11.77 4.84 2.47
C LEU A 176 12.14 5.25 1.04
N PRO A 177 13.35 5.77 0.77
CA PRO A 177 13.71 6.05 -0.64
C PRO A 177 13.62 4.83 -1.53
N TYR A 178 14.05 3.65 -1.07
CA TYR A 178 13.97 2.46 -1.92
C TYR A 178 12.52 2.13 -2.23
N ALA A 179 11.65 2.17 -1.22
CA ALA A 179 10.23 1.88 -1.44
C ALA A 179 9.58 2.90 -2.36
N GLY A 180 9.89 4.18 -2.18
CA GLY A 180 9.36 5.19 -3.10
C GLY A 180 9.76 4.90 -4.53
N LEU A 181 11.00 4.45 -4.72
CA LEU A 181 11.48 4.06 -6.04
C LEU A 181 10.68 2.89 -6.61
N VAL A 182 10.49 1.84 -5.81
CA VAL A 182 9.72 0.68 -6.26
C VAL A 182 8.33 1.08 -6.74
N PHE A 183 7.63 1.89 -5.94
CA PHE A 183 6.26 2.22 -6.29
C PHE A 183 6.20 3.17 -7.47
N ASN A 184 7.16 4.10 -7.58
CA ASN A 184 7.25 4.93 -8.78
C ASN A 184 7.53 4.09 -10.03
N ALA A 185 8.29 3.00 -9.88
CA ALA A 185 8.67 2.17 -11.02
C ALA A 185 7.51 1.36 -11.59
N PHE A 186 6.42 1.18 -10.83
CA PHE A 186 5.24 0.58 -11.45
C PHE A 186 4.60 1.52 -12.47
N GLY A 187 4.97 2.80 -12.48
CA GLY A 187 4.29 3.74 -13.32
C GLY A 187 4.83 3.72 -14.74
N PRO A 188 4.27 4.60 -15.56
CA PRO A 188 4.79 4.76 -16.91
C PRO A 188 6.15 5.42 -16.89
N PRO A 189 6.88 5.41 -18.01
CA PRO A 189 8.20 6.05 -18.03
C PRO A 189 8.14 7.56 -18.03
N ASN A 190 7.48 8.16 -17.03
CA ASN A 190 7.42 9.60 -16.91
C ASN A 190 8.63 10.07 -16.07
N GLU A 191 8.67 11.36 -15.77
CA GLU A 191 9.84 11.88 -15.04
C GLU A 191 9.89 11.31 -13.62
N LEU A 192 8.75 11.11 -12.97
CA LEU A 192 8.75 10.48 -11.65
C LEU A 192 9.49 9.14 -11.68
N ARG A 193 9.18 8.31 -12.67
CA ARG A 193 9.80 6.99 -12.72
C ARG A 193 11.25 7.07 -13.15
N GLN A 194 11.54 7.86 -14.18
CA GLN A 194 12.90 7.84 -14.68
C GLN A 194 13.86 8.49 -13.71
N THR A 195 13.41 9.50 -12.97
CA THR A 195 14.27 10.11 -11.96
C THR A 195 14.50 9.15 -10.79
N ALA A 196 13.45 8.45 -10.36
CA ALA A 196 13.59 7.47 -9.30
C ALA A 196 14.65 6.42 -9.66
N ILE A 197 14.58 5.89 -10.89
CA ILE A 197 15.52 4.85 -11.26
C ILE A 197 16.93 5.42 -11.39
N GLU A 198 17.06 6.67 -11.85
CA GLU A 198 18.38 7.29 -11.93
C GLU A 198 19.09 7.28 -10.58
N ARG A 199 18.34 7.51 -9.50
CA ARG A 199 18.94 7.62 -8.18
C ARG A 199 18.94 6.31 -7.40
N SER A 200 18.69 5.18 -8.07
CA SER A 200 18.36 3.95 -7.36
C SER A 200 19.57 3.21 -6.81
N ALA A 201 20.74 3.39 -7.41
CA ALA A 201 21.86 2.48 -7.17
C ALA A 201 22.19 2.27 -5.70
N PRO A 202 22.34 3.31 -4.86
CA PRO A 202 22.68 3.06 -3.44
C PRO A 202 21.57 2.41 -2.64
N HIS A 203 20.30 2.66 -2.96
CA HIS A 203 19.22 2.06 -2.18
C HIS A 203 19.08 0.57 -2.51
N GLN A 204 19.17 0.22 -3.80
CA GLN A 204 19.15 -1.20 -4.17
C GLN A 204 20.31 -1.95 -3.54
N ALA A 205 21.49 -1.35 -3.51
CA ALA A 205 22.66 -2.00 -2.91
C ALA A 205 22.41 -2.35 -1.45
N TYR A 206 21.94 -1.38 -0.68
CA TYR A 206 21.68 -1.62 0.73
C TYR A 206 20.64 -2.72 0.91
N VAL A 207 19.53 -2.61 0.19
CA VAL A 207 18.40 -3.52 0.38
C VAL A 207 18.81 -4.95 0.03
N ASN A 208 19.40 -5.14 -1.15
CA ASN A 208 19.81 -6.49 -1.53
C ASN A 208 20.76 -7.08 -0.50
N GLU A 209 21.61 -6.25 0.10
CA GLU A 209 22.53 -6.76 1.12
C GLU A 209 21.81 -7.17 2.40
N GLN A 210 20.86 -6.36 2.90
CA GLN A 210 20.14 -6.76 4.10
C GLN A 210 19.28 -8.00 3.88
N CYS A 211 19.10 -8.44 2.64
CA CYS A 211 18.26 -9.61 2.38
C CYS A 211 18.98 -10.93 2.62
N GLN A 212 20.29 -10.88 2.83
CA GLN A 212 21.07 -12.10 3.04
C GLN A 212 20.93 -12.57 4.48
N ARG A 213 20.76 -13.88 4.65
CA ARG A 213 20.54 -14.49 5.96
C ARG A 213 21.44 -13.97 7.07
N PRO A 214 22.77 -13.84 6.91
CA PRO A 214 23.59 -13.41 8.06
C PRO A 214 23.29 -12.00 8.56
N ASN A 215 22.58 -11.18 7.79
CA ASN A 215 22.35 -9.78 8.15
C ASN A 215 21.01 -9.55 8.82
N LEU A 216 20.23 -10.59 9.09
CA LEU A 216 18.88 -10.46 9.63
C LEU A 216 18.85 -11.06 11.03
N ALA A 217 18.45 -10.26 12.01
CA ALA A 217 18.60 -10.65 13.40
C ALA A 217 17.67 -11.80 13.75
N PRO A 218 18.08 -12.69 14.65
CA PRO A 218 17.25 -13.86 14.96
C PRO A 218 15.87 -13.45 15.45
N GLY A 219 14.86 -14.25 15.08
CA GLY A 219 13.51 -14.02 15.51
C GLY A 219 12.70 -13.05 14.65
N GLY A 220 13.34 -12.23 13.83
CA GLY A 220 12.65 -11.25 13.01
C GLY A 220 11.99 -11.87 11.78
N PHE A 221 11.27 -11.04 11.02
CA PHE A 221 10.57 -11.56 9.85
C PHE A 221 11.58 -12.11 8.84
N GLY A 222 12.69 -11.41 8.66
CA GLY A 222 13.65 -11.82 7.64
C GLY A 222 14.33 -13.14 7.99
N ALA A 223 14.68 -13.32 9.26
CA ALA A 223 15.28 -14.59 9.64
C ALA A 223 14.26 -15.72 9.57
N CYS A 224 12.98 -15.39 9.73
CA CYS A 224 11.93 -16.39 9.66
CA CYS A 224 11.94 -16.41 9.66
C CYS A 224 11.70 -16.87 8.24
N ILE A 225 11.83 -15.97 7.27
CA ILE A 225 11.72 -16.38 5.87
C ILE A 225 12.84 -17.34 5.52
N HIS A 226 14.07 -17.00 5.90
CA HIS A 226 15.19 -17.89 5.65
C HIS A 226 15.04 -19.21 6.40
N ALA A 227 14.39 -19.20 7.57
CA ALA A 227 14.25 -20.45 8.31
C ALA A 227 13.18 -21.35 7.70
N PHE A 228 12.41 -20.83 6.74
CA PHE A 228 11.39 -21.57 6.01
C PHE A 228 11.89 -22.15 4.70
N THR A 229 13.20 -22.19 4.49
CA THR A 229 13.77 -22.61 3.21
C THR A 229 14.12 -24.08 3.15
N ASP A 230 13.57 -24.89 4.08
CA ASP A 230 13.88 -26.31 4.09
C ASP A 230 12.63 -27.19 4.10
N THR A 231 11.46 -26.61 3.85
CA THR A 231 10.21 -27.35 3.93
C THR A 231 9.73 -27.89 2.59
N GLY A 232 10.42 -27.56 1.50
CA GLY A 232 9.92 -27.86 0.18
C GLY A 232 9.03 -26.80 -0.40
N GLU A 233 8.84 -25.67 0.31
CA GLU A 233 8.03 -24.60 -0.24
C GLU A 233 8.88 -23.59 -1.00
N ILE A 234 9.99 -23.16 -0.39
CA ILE A 234 10.97 -22.29 -1.05
C ILE A 234 12.35 -22.87 -0.80
N THR A 235 13.28 -22.52 -1.70
CA THR A 235 14.67 -22.90 -1.54
C THR A 235 15.46 -21.73 -0.97
N PRO A 236 16.66 -21.99 -0.44
CA PRO A 236 17.46 -20.87 0.12
C PRO A 236 17.70 -19.73 -0.85
N ASP A 237 17.82 -19.99 -2.16
CA ASP A 237 18.07 -18.89 -3.08
C ASP A 237 16.84 -18.04 -3.35
N GLU A 238 15.65 -18.47 -2.90
N GLU A 238 15.66 -18.45 -2.87
CA GLU A 238 14.45 -17.65 -3.01
CA GLU A 238 14.47 -17.62 -3.02
C GLU A 238 14.28 -16.70 -1.83
C GLU A 238 14.21 -16.74 -1.82
N ALA A 239 14.85 -17.02 -0.67
CA ALA A 239 14.61 -16.20 0.52
C ALA A 239 15.05 -14.75 0.39
N PRO A 240 16.21 -14.41 -0.17
CA PRO A 240 16.55 -12.97 -0.23
C PRO A 240 15.51 -12.14 -0.97
N LEU A 241 14.94 -12.65 -2.07
CA LEU A 241 13.95 -11.87 -2.79
C LEU A 241 12.62 -11.78 -2.04
N LEU A 242 12.31 -12.77 -1.21
CA LEU A 242 11.11 -12.65 -0.38
C LEU A 242 11.32 -11.65 0.77
N VAL A 243 12.53 -11.63 1.34
CA VAL A 243 12.85 -10.53 2.25
C VAL A 243 12.72 -9.20 1.52
N ARG A 244 13.24 -9.15 0.29
CA ARG A 244 13.14 -7.92 -0.51
C ARG A 244 11.70 -7.48 -0.67
N SER A 245 10.77 -8.44 -0.78
CA SER A 245 9.36 -8.09 -0.89
C SER A 245 8.90 -7.32 0.35
N LEU A 246 9.29 -7.77 1.55
CA LEU A 246 8.83 -7.10 2.76
C LEU A 246 9.51 -5.74 2.90
N LEU A 247 10.78 -5.63 2.51
CA LEU A 247 11.43 -4.33 2.55
C LEU A 247 10.92 -3.39 1.47
N SER A 248 10.30 -3.91 0.41
CA SER A 248 9.73 -3.03 -0.59
C SER A 248 8.33 -2.57 -0.19
N ALA A 249 7.52 -3.51 0.28
CA ALA A 249 6.08 -3.37 0.37
C ALA A 249 5.57 -3.07 1.76
N GLY A 250 6.40 -3.22 2.79
CA GLY A 250 5.85 -3.22 4.13
C GLY A 250 6.02 -1.96 4.95
N LEU A 251 6.78 -0.98 4.48
CA LEU A 251 7.02 0.23 5.26
C LEU A 251 6.28 1.43 4.71
N ASP A 252 6.57 1.79 3.45
CA ASP A 252 5.95 2.97 2.84
C ASP A 252 4.44 2.85 2.77
N THR A 253 3.91 1.64 2.60
CA THR A 253 2.46 1.47 2.55
C THR A 253 1.83 1.86 3.89
N THR A 254 2.42 1.38 4.99
CA THR A 254 1.87 1.68 6.32
C THR A 254 2.03 3.15 6.66
N VAL A 255 3.15 3.74 6.25
CA VAL A 255 3.34 5.18 6.43
C VAL A 255 2.17 5.94 5.82
N ASN A 256 1.83 5.61 4.57
N ASN A 256 1.83 5.61 4.58
CA ASN A 256 0.71 6.30 3.92
CA ASN A 256 0.72 6.29 3.92
C ASN A 256 -0.63 5.89 4.51
C ASN A 256 -0.62 5.89 4.51
N GLY A 257 -0.76 4.64 4.96
CA GLY A 257 -2.02 4.24 5.59
C GLY A 257 -2.26 4.97 6.90
N ILE A 258 -1.23 5.07 7.74
CA ILE A 258 -1.39 5.79 9.01
C ILE A 258 -1.55 7.28 8.75
N GLY A 259 -0.75 7.83 7.83
CA GLY A 259 -0.94 9.21 7.43
C GLY A 259 -2.36 9.50 6.93
N ALA A 260 -2.89 8.59 6.11
CA ALA A 260 -4.29 8.74 5.67
C ALA A 260 -5.24 8.80 6.87
N ALA A 261 -5.04 7.90 7.85
CA ALA A 261 -5.92 7.87 9.02
C ALA A 261 -5.84 9.17 9.80
N VAL A 262 -4.63 9.67 10.04
CA VAL A 262 -4.51 10.93 10.78
C VAL A 262 -5.13 12.07 9.97
N TYR A 263 -4.88 12.11 8.66
CA TYR A 263 -5.47 13.14 7.82
C TYR A 263 -7.00 13.08 7.89
N CYS A 264 -7.56 11.87 7.92
CA CYS A 264 -9.01 11.73 7.97
C CYS A 264 -9.57 12.24 9.30
N LEU A 265 -8.93 11.87 10.41
CA LEU A 265 -9.37 12.34 11.70
C LEU A 265 -9.21 13.85 11.83
N ALA A 266 -8.19 14.42 11.18
CA ALA A 266 -8.01 15.87 11.19
C ALA A 266 -9.12 16.58 10.40
N ARG A 267 -9.55 15.97 9.29
CA ARG A 267 -10.57 16.57 8.43
C ARG A 267 -11.99 16.28 8.88
N PHE A 268 -12.22 15.22 9.67
CA PHE A 268 -13.55 14.81 10.10
C PHE A 268 -13.56 14.78 11.63
N PRO A 269 -13.58 15.94 12.30
CA PRO A 269 -13.49 15.92 13.77
C PRO A 269 -14.61 15.15 14.44
N GLY A 270 -15.80 15.08 13.84
CA GLY A 270 -16.86 14.27 14.44
C GLY A 270 -16.46 12.81 14.59
N GLU A 271 -15.65 12.31 13.65
CA GLU A 271 -15.22 10.92 13.73
C GLU A 271 -14.12 10.72 14.75
N LEU A 272 -13.25 11.72 14.94
CA LEU A 272 -12.31 11.61 16.05
C LEU A 272 -13.06 11.57 17.38
N GLN A 273 -14.13 12.36 17.51
CA GLN A 273 -14.88 12.36 18.76
C GLN A 273 -15.55 11.01 19.01
N ARG A 274 -16.09 10.37 17.96
CA ARG A 274 -16.63 9.04 18.12
C ARG A 274 -15.54 8.04 18.45
N LEU A 275 -14.38 8.15 17.79
CA LEU A 275 -13.27 7.25 18.08
C LEU A 275 -12.84 7.35 19.53
N ARG A 276 -12.67 8.58 20.04
CA ARG A 276 -12.32 8.81 21.44
C ARG A 276 -13.33 8.15 22.39
N SER A 277 -14.62 8.19 22.05
CA SER A 277 -15.59 7.67 22.99
C SER A 277 -15.62 6.15 23.01
N ASP A 278 -15.11 5.51 21.95
CA ASP A 278 -15.02 4.05 21.91
C ASP A 278 -13.73 3.69 21.20
N PRO A 279 -12.61 3.60 21.93
CA PRO A 279 -11.34 3.24 21.30
C PRO A 279 -11.32 1.86 20.67
N THR A 280 -12.30 0.99 20.94
CA THR A 280 -12.33 -0.28 20.22
C THR A 280 -12.70 -0.12 18.75
N LEU A 281 -13.10 1.08 18.32
CA LEU A 281 -13.30 1.39 16.91
C LEU A 281 -11.98 1.65 16.17
N ALA A 282 -10.84 1.57 16.87
CA ALA A 282 -9.55 1.91 16.25
C ALA A 282 -9.29 1.08 15.00
N ARG A 283 -9.51 -0.23 15.06
CA ARG A 283 -9.17 -1.08 13.93
C ARG A 283 -10.03 -0.77 12.71
N ASN A 284 -11.34 -0.57 12.92
CA ASN A 284 -12.20 -0.23 11.79
C ASN A 284 -11.98 1.21 11.32
N ALA A 285 -11.61 2.11 12.23
CA ALA A 285 -11.27 3.46 11.78
C ALA A 285 -10.08 3.46 10.82
N PHE A 286 -9.10 2.59 11.08
CA PHE A 286 -7.94 2.50 10.18
C PHE A 286 -8.32 1.84 8.87
N GLU A 287 -9.11 0.77 8.94
CA GLU A 287 -9.60 0.13 7.72
C GLU A 287 -10.36 1.11 6.85
N GLU A 288 -11.21 1.94 7.47
CA GLU A 288 -11.96 2.92 6.68
C GLU A 288 -11.03 3.93 6.04
N ALA A 289 -9.96 4.31 6.74
CA ALA A 289 -8.97 5.21 6.16
C ALA A 289 -8.31 4.57 4.95
N VAL A 290 -8.05 3.26 5.03
CA VAL A 290 -7.47 2.57 3.88
C VAL A 290 -8.44 2.60 2.70
N ARG A 291 -9.73 2.37 2.93
CA ARG A 291 -10.71 2.51 1.84
C ARG A 291 -10.74 3.94 1.34
N PHE A 292 -10.87 4.90 2.26
CA PHE A 292 -11.14 6.30 1.92
C PHE A 292 -9.98 6.93 1.17
N GLU A 293 -8.74 6.67 1.56
CA GLU A 293 -7.64 7.26 0.82
C GLU A 293 -6.99 6.29 -0.15
N SER A 294 -7.05 5.00 0.12
CA SER A 294 -6.44 3.97 -0.73
C SER A 294 -4.98 4.32 -1.00
N PRO A 295 -4.09 4.13 -0.02
CA PRO A 295 -2.67 4.46 -0.20
C PRO A 295 -2.05 3.84 -1.44
N VAL A 296 -2.42 2.62 -1.79
CA VAL A 296 -2.03 2.02 -3.05
C VAL A 296 -3.17 2.27 -4.03
N GLN A 297 -2.94 3.18 -5.00
CA GLN A 297 -4.04 3.71 -5.80
C GLN A 297 -4.39 2.80 -6.97
N THR A 298 -3.37 2.18 -7.57
CA THR A 298 -3.48 1.57 -8.88
C THR A 298 -2.54 0.37 -8.95
N PHE A 299 -2.94 -0.62 -9.74
CA PHE A 299 -2.04 -1.69 -10.18
C PHE A 299 -2.52 -2.16 -11.55
N PHE A 300 -1.61 -2.77 -12.31
CA PHE A 300 -1.93 -3.30 -13.62
C PHE A 300 -2.06 -4.82 -13.57
N ARG A 301 -2.77 -5.35 -14.56
CA ARG A 301 -2.67 -6.76 -14.94
C ARG A 301 -2.42 -6.83 -16.44
N THR A 302 -1.98 -8.00 -16.92
CA THR A 302 -1.81 -8.23 -18.35
C THR A 302 -2.70 -9.39 -18.78
N THR A 303 -3.47 -9.21 -19.84
CA THR A 303 -4.37 -10.26 -20.31
C THR A 303 -3.59 -11.39 -20.95
N THR A 304 -3.94 -12.64 -20.60
CA THR A 304 -3.28 -13.80 -21.19
C THR A 304 -4.05 -14.37 -22.38
N ARG A 305 -5.20 -13.79 -22.69
CA ARG A 305 -6.06 -14.24 -23.79
C ARG A 305 -7.02 -13.12 -24.12
N GLU A 306 -7.70 -13.28 -25.25
CA GLU A 306 -8.84 -12.43 -25.53
C GLU A 306 -9.92 -12.69 -24.48
N VAL A 307 -10.52 -11.62 -23.95
CA VAL A 307 -11.46 -11.73 -22.85
C VAL A 307 -12.54 -10.67 -23.02
N GLU A 308 -13.77 -11.05 -22.67
CA GLU A 308 -14.87 -10.11 -22.58
C GLU A 308 -15.00 -9.62 -21.15
N LEU A 309 -14.93 -8.31 -20.96
CA LEU A 309 -15.04 -7.71 -19.63
C LEU A 309 -16.03 -6.57 -19.70
N GLY A 310 -17.12 -6.67 -18.93
CA GLY A 310 -18.18 -5.69 -18.93
C GLY A 310 -18.61 -5.25 -20.32
N GLY A 311 -18.90 -6.22 -21.19
CA GLY A 311 -19.31 -5.94 -22.55
C GLY A 311 -18.19 -5.57 -23.51
N ALA A 312 -16.95 -5.50 -23.04
CA ALA A 312 -15.83 -5.09 -23.87
C ALA A 312 -14.96 -6.29 -24.22
N VAL A 313 -14.49 -6.34 -25.46
CA VAL A 313 -13.55 -7.38 -25.89
C VAL A 313 -12.13 -6.81 -25.75
N ILE A 314 -11.33 -7.44 -24.91
CA ILE A 314 -9.94 -7.07 -24.70
C ILE A 314 -9.07 -8.18 -25.27
N GLY A 315 -8.11 -7.82 -26.14
CA GLY A 315 -7.21 -8.79 -26.73
C GLY A 315 -6.15 -9.32 -25.77
N GLU A 316 -5.42 -10.33 -26.24
CA GLU A 316 -4.33 -10.92 -25.49
C GLU A 316 -3.17 -9.95 -25.37
N GLY A 317 -2.46 -10.02 -24.25
CA GLY A 317 -1.26 -9.23 -24.10
C GLY A 317 -1.50 -7.75 -23.90
N GLU A 318 -2.66 -7.39 -23.38
CA GLU A 318 -3.01 -5.99 -23.15
C GLU A 318 -2.92 -5.65 -21.68
N LYS A 319 -2.38 -4.48 -21.39
CA LYS A 319 -2.29 -4.02 -20.02
C LYS A 319 -3.64 -3.47 -19.57
N VAL A 320 -4.06 -3.84 -18.36
CA VAL A 320 -5.30 -3.37 -17.75
C VAL A 320 -4.95 -2.66 -16.46
N LEU A 321 -5.27 -1.37 -16.38
CA LEU A 321 -5.03 -0.56 -15.19
C LEU A 321 -6.27 -0.62 -14.29
N MET A 322 -6.08 -1.09 -13.06
CA MET A 322 -7.15 -1.12 -12.06
C MET A 322 -7.02 0.09 -11.14
N PHE A 323 -8.10 0.87 -11.03
CA PHE A 323 -8.12 2.03 -10.15
C PHE A 323 -8.70 1.60 -8.81
N LEU A 324 -7.82 1.13 -7.92
CA LEU A 324 -8.28 0.63 -6.62
C LEU A 324 -8.93 1.74 -5.80
N GLY A 325 -8.31 2.91 -5.76
CA GLY A 325 -8.92 4.01 -5.02
C GLY A 325 -10.29 4.37 -5.55
N SER A 326 -10.44 4.36 -6.87
CA SER A 326 -11.72 4.68 -7.50
C SER A 326 -12.78 3.63 -7.18
N ALA A 327 -12.41 2.36 -7.22
CA ALA A 327 -13.36 1.31 -6.88
C ALA A 327 -13.83 1.46 -5.43
N ASN A 328 -12.97 1.98 -4.56
CA ASN A 328 -13.31 2.19 -3.16
C ASN A 328 -14.18 3.42 -2.94
N ARG A 329 -14.43 4.19 -3.99
CA ARG A 329 -15.31 5.36 -3.91
C ARG A 329 -16.46 5.28 -4.90
N ASP A 330 -16.66 4.13 -5.51
CA ASP A 330 -17.71 3.92 -6.50
C ASP A 330 -19.07 3.95 -5.81
N PRO A 331 -19.96 4.92 -6.12
CA PRO A 331 -21.28 4.93 -5.46
C PRO A 331 -22.18 3.80 -5.89
N ARG A 332 -21.81 3.05 -6.94
CA ARG A 332 -22.50 1.81 -7.29
C ARG A 332 -22.30 0.75 -6.23
N ARG A 333 -21.22 0.82 -5.48
CA ARG A 333 -20.92 -0.14 -4.41
C ARG A 333 -21.08 0.43 -3.02
N TRP A 334 -20.76 1.71 -2.81
CA TRP A 334 -20.71 2.30 -1.48
C TRP A 334 -21.77 3.37 -1.30
N SER A 335 -22.41 3.35 -0.14
CA SER A 335 -23.25 4.47 0.27
C SER A 335 -22.35 5.58 0.79
N ASP A 336 -22.62 6.82 0.36
CA ASP A 336 -21.85 8.00 0.73
C ASP A 336 -20.34 7.72 0.67
N PRO A 337 -19.82 7.32 -0.50
CA PRO A 337 -18.42 6.86 -0.55
C PRO A 337 -17.43 7.94 -0.20
N ASP A 338 -17.79 9.21 -0.37
N ASP A 338 -17.82 9.21 -0.36
CA ASP A 338 -16.86 10.30 -0.09
CA ASP A 338 -16.97 10.36 -0.11
C ASP A 338 -16.93 10.78 1.35
C ASP A 338 -16.90 10.76 1.35
N LEU A 339 -17.62 10.05 2.23
CA LEU A 339 -17.60 10.32 3.66
C LEU A 339 -16.70 9.31 4.38
N TYR A 340 -15.92 9.82 5.34
CA TYR A 340 -15.10 8.97 6.21
C TYR A 340 -15.97 8.56 7.40
N ASP A 341 -16.26 7.26 7.52
CA ASP A 341 -17.22 6.76 8.50
C ASP A 341 -16.58 5.59 9.26
N ILE A 342 -16.19 5.80 10.52
CA ILE A 342 -15.43 4.77 11.21
C ILE A 342 -16.29 3.61 11.65
N THR A 343 -17.61 3.70 11.53
CA THR A 343 -18.45 2.53 11.76
C THR A 343 -18.95 1.89 10.47
N ARG A 344 -18.44 2.32 9.31
CA ARG A 344 -18.82 1.73 8.04
C ARG A 344 -18.49 0.23 8.00
N LYS A 345 -19.36 -0.55 7.35
CA LYS A 345 -19.00 -1.94 7.04
C LYS A 345 -18.08 -1.89 5.82
N THR A 346 -16.78 -2.02 6.07
CA THR A 346 -15.78 -1.84 5.02
C THR A 346 -15.48 -3.13 4.27
N SER A 347 -16.05 -4.26 4.69
CA SER A 347 -15.72 -5.55 4.10
C SER A 347 -15.91 -5.50 2.58
N GLY A 348 -14.89 -5.95 1.86
CA GLY A 348 -14.95 -5.96 0.42
C GLY A 348 -14.25 -4.80 -0.26
N HIS A 349 -13.79 -3.79 0.50
CA HIS A 349 -12.96 -2.76 -0.13
C HIS A 349 -11.71 -3.40 -0.71
N VAL A 350 -11.13 -2.73 -1.72
CA VAL A 350 -9.97 -3.29 -2.42
C VAL A 350 -8.68 -2.53 -2.11
N GLY A 351 -8.61 -1.83 -0.98
CA GLY A 351 -7.40 -1.12 -0.61
C GLY A 351 -6.22 -2.03 -0.35
N PHE A 352 -6.47 -3.28 0.05
CA PHE A 352 -5.45 -4.33 0.19
C PHE A 352 -5.49 -5.31 -0.96
N GLY A 353 -6.18 -4.97 -2.05
CA GLY A 353 -6.36 -5.92 -3.14
C GLY A 353 -7.51 -6.88 -2.88
N SER A 354 -7.50 -7.98 -3.63
CA SER A 354 -8.57 -8.99 -3.52
C SER A 354 -8.13 -10.24 -4.27
N GLY A 355 -8.39 -11.40 -3.67
CA GLY A 355 -8.03 -12.66 -4.30
C GLY A 355 -6.69 -13.23 -3.90
N VAL A 356 -6.03 -13.94 -4.82
CA VAL A 356 -4.86 -14.72 -4.44
C VAL A 356 -3.67 -13.85 -4.06
N HIS A 357 -3.63 -12.58 -4.50
CA HIS A 357 -2.54 -11.67 -4.15
C HIS A 357 -2.91 -10.70 -3.05
N MET A 358 -4.09 -10.83 -2.45
CA MET A 358 -4.52 -9.85 -1.46
C MET A 358 -3.47 -9.71 -0.38
N CYS A 359 -3.19 -8.45 0.02
CA CYS A 359 -2.00 -8.11 0.81
C CYS A 359 -1.64 -9.16 1.83
N VAL A 360 -0.52 -9.86 1.63
CA VAL A 360 -0.12 -10.88 2.60
C VAL A 360 0.35 -10.23 3.90
N GLY A 361 0.73 -8.95 3.88
CA GLY A 361 1.10 -8.27 5.09
C GLY A 361 -0.03 -7.50 5.77
N GLN A 362 -1.30 -7.79 5.44
CA GLN A 362 -2.38 -6.93 5.94
C GLN A 362 -2.52 -7.01 7.46
N LEU A 363 -2.12 -8.13 8.07
CA LEU A 363 -2.18 -8.22 9.53
C LEU A 363 -1.16 -7.27 10.18
N VAL A 364 0.01 -7.10 9.57
CA VAL A 364 0.97 -6.14 10.10
C VAL A 364 0.43 -4.73 9.97
N ALA A 365 -0.05 -4.39 8.76
CA ALA A 365 -0.60 -3.06 8.52
C ALA A 365 -1.72 -2.75 9.51
N ARG A 366 -2.67 -3.68 9.65
CA ARG A 366 -3.83 -3.44 10.52
C ARG A 366 -3.40 -3.35 11.98
N LEU A 367 -2.44 -4.17 12.41
CA LEU A 367 -1.95 -4.08 13.77
C LEU A 367 -1.33 -2.72 14.04
N GLU A 368 -0.44 -2.25 13.15
CA GLU A 368 0.17 -0.92 13.29
C GLU A 368 -0.90 0.18 13.33
N GLY A 369 -1.84 0.12 12.39
CA GLY A 369 -2.84 1.18 12.32
C GLY A 369 -3.77 1.17 13.51
N GLU A 370 -4.15 -0.04 13.96
CA GLU A 370 -5.02 -0.14 15.13
C GLU A 370 -4.35 0.44 16.37
N VAL A 371 -3.12 0.02 16.68
CA VAL A 371 -2.52 0.46 17.95
C VAL A 371 -2.21 1.96 17.91
N MET A 372 -1.92 2.50 16.73
CA MET A 372 -1.71 3.95 16.65
C MET A 372 -3.02 4.71 16.85
N LEU A 373 -4.10 4.30 16.18
CA LEU A 373 -5.37 4.98 16.38
C LEU A 373 -5.90 4.76 17.80
N SER A 374 -5.56 3.62 18.42
CA SER A 374 -5.94 3.40 19.81
C SER A 374 -5.26 4.41 20.73
N ALA A 375 -3.95 4.62 20.51
CA ALA A 375 -3.22 5.60 21.30
C ALA A 375 -3.81 7.00 21.10
N LEU A 376 -4.11 7.37 19.85
CA LEU A 376 -4.73 8.67 19.62
C LEU A 376 -6.08 8.77 20.32
N ALA A 377 -6.89 7.70 20.23
CA ALA A 377 -8.22 7.72 20.83
C ALA A 377 -8.14 7.96 22.33
N ARG A 378 -7.18 7.35 23.00
CA ARG A 378 -7.09 7.46 24.45
C ARG A 378 -6.37 8.72 24.92
N LYS A 379 -5.49 9.30 24.10
CA LYS A 379 -4.63 10.36 24.60
C LYS A 379 -4.88 11.74 24.02
N VAL A 380 -5.61 11.85 22.91
CA VAL A 380 -5.72 13.10 22.17
C VAL A 380 -7.16 13.56 22.17
N ALA A 381 -7.37 14.86 22.42
CA ALA A 381 -8.69 15.47 22.38
C ALA A 381 -9.01 16.15 21.07
N ALA A 382 -8.00 16.68 20.36
CA ALA A 382 -8.26 17.33 19.08
C ALA A 382 -7.03 17.22 18.20
N ILE A 383 -7.25 17.18 16.89
CA ILE A 383 -6.20 17.20 15.88
C ILE A 383 -6.58 18.32 14.92
N ASP A 384 -5.85 19.42 14.97
CA ASP A 384 -6.17 20.59 14.15
C ASP A 384 -5.01 20.88 13.21
N ILE A 385 -5.30 20.91 11.91
CA ILE A 385 -4.28 21.31 10.95
C ILE A 385 -3.88 22.75 11.26
N ASP A 386 -2.57 23.00 11.35
CA ASP A 386 -2.14 24.35 11.71
C ASP A 386 -0.99 24.82 10.82
N GLY A 387 -0.99 24.40 9.56
CA GLY A 387 0.05 24.75 8.62
C GLY A 387 -0.29 24.24 7.23
N PRO A 388 0.54 24.57 6.24
CA PRO A 388 0.26 24.17 4.86
C PRO A 388 0.39 22.67 4.66
N VAL A 389 -0.61 22.07 4.05
CA VAL A 389 -0.56 20.65 3.73
C VAL A 389 0.11 20.48 2.37
N LYS A 390 1.09 19.59 2.29
CA LYS A 390 1.84 19.36 1.07
C LYS A 390 1.71 17.89 0.68
N ARG A 391 1.32 17.65 -0.56
CA ARG A 391 1.11 16.30 -1.04
C ARG A 391 2.42 15.71 -1.53
N ARG A 392 2.60 14.41 -1.31
CA ARG A 392 3.73 13.66 -1.86
C ARG A 392 3.28 12.95 -3.14
N PHE A 393 4.02 13.13 -4.22
CA PHE A 393 3.62 12.59 -5.51
C PHE A 393 4.38 11.30 -5.84
N ASN A 394 3.62 10.26 -6.21
CA ASN A 394 4.16 8.95 -6.53
C ASN A 394 3.25 8.29 -7.55
N ASN A 395 3.83 7.57 -8.51
CA ASN A 395 3.04 6.96 -9.58
C ASN A 395 2.03 5.94 -9.06
N THR A 396 2.25 5.36 -7.88
CA THR A 396 1.40 4.31 -7.31
C THR A 396 0.81 4.67 -5.94
N LEU A 397 1.57 5.35 -5.09
CA LEU A 397 1.13 5.64 -3.73
C LEU A 397 0.49 7.03 -3.64
N ARG A 398 -0.60 7.12 -2.89
CA ARG A 398 -1.23 8.39 -2.55
C ARG A 398 -0.93 8.70 -1.08
N GLY A 399 -0.39 9.88 -0.83
CA GLY A 399 -0.20 10.28 0.55
C GLY A 399 0.38 11.68 0.60
N LEU A 400 0.60 12.15 1.82
CA LEU A 400 1.08 13.50 2.03
C LEU A 400 2.57 13.54 2.32
N GLU A 401 3.19 14.64 1.89
CA GLU A 401 4.57 14.94 2.27
C GLU A 401 4.65 15.56 3.65
N SER A 402 3.70 16.44 3.99
CA SER A 402 3.75 17.14 5.26
C SER A 402 2.34 17.46 5.70
N LEU A 403 2.05 17.21 6.99
CA LEU A 403 0.73 17.45 7.56
C LEU A 403 0.91 18.10 8.93
N PRO A 404 1.05 19.43 8.98
CA PRO A 404 1.26 20.10 10.27
C PRO A 404 -0.02 20.09 11.10
N VAL A 405 0.07 19.60 12.33
CA VAL A 405 -1.09 19.52 13.21
C VAL A 405 -0.67 19.90 14.62
N LYS A 406 -1.60 20.51 15.35
CA LYS A 406 -1.50 20.64 16.79
C LYS A 406 -2.34 19.54 17.42
N LEU A 407 -1.73 18.78 18.34
CA LEU A 407 -2.42 17.75 19.11
C LEU A 407 -2.84 18.33 20.46
N THR A 408 -4.13 18.28 20.76
CA THR A 408 -4.54 18.69 22.10
C THR A 408 -4.69 17.48 22.99
N PRO A 409 -4.04 17.44 24.15
CA PRO A 409 -4.14 16.25 25.00
C PRO A 409 -5.54 16.09 25.58
N ALA A 410 -5.94 14.84 25.74
CA ALA A 410 -7.20 14.53 26.40
C ALA A 410 -7.11 14.87 27.88
#